data_1G97
#
_entry.id   1G97
#
_cell.length_a   93.660
_cell.length_b   93.660
_cell.length_c   275.900
_cell.angle_alpha   90.00
_cell.angle_beta   90.00
_cell.angle_gamma   120.00
#
_symmetry.space_group_name_H-M   'H 3 2'
#
loop_
_entity.id
_entity.type
_entity.pdbx_description
1 polymer 'N-ACETYLGLUCOSAMINE-1-PHOSPHATE URIDYLTRANSFERASE'
2 non-polymer 'MAGNESIUM ION'
3 non-polymer 'SODIUM ION'
4 non-polymer URIDINE-DIPHOSPHATE-N-ACETYLGLUCOSAMINE
5 water water
#
_entity_poly.entity_id   1
_entity_poly.type   'polypeptide(L)'
_entity_poly.pdbx_seq_one_letter_code
;MSNFAIILAAGKGTRMKSDLPKVLHKVAGISMLEHVFRSVGAIQPEKTVTVVGHKAELVEEVLAGQTEFVTQSEQLGTGH
AVMMTEPILEGLSGHTLVIAGDTPLITGESLKNLIDFHINHKNVATILTAETDNPFGYGRIVRNDNAEVLRIVEQKDATD
FEKQIKEINTGTYVFDNERLFEALKNINTNNAQGEYYITDVIGIFRETGEKVGAYTLKDFDESLGVNDRVALATAESVMR
RRINHKHMVNGVSFVNPEATYIDIDVEIASEVQIEANVTLKGQTKIGAETVLTNGTYVVDSTIGAGAVITNSMIEESSVA
DGVIVGPYAHIRPNSSLGAQVHIGNFVEVKGSSIGENTKAGHLTYIGNCEVGSNVNFGAGTITVNYDGKNKYKTVIGNNV
FVGSNSTIIAPVELGDNSLVGAGSTITKDVPADAIAIGRGRQINKDEYATRLPHHPKNQ
;
_entity_poly.pdbx_strand_id   A
#
# COMPACT_ATOMS: atom_id res chain seq x y z
N SER A 2 22.12 -22.42 -4.84
CA SER A 2 21.66 -21.35 -5.78
C SER A 2 20.14 -21.36 -5.91
N ASN A 3 19.52 -20.24 -5.56
CA ASN A 3 18.07 -20.11 -5.62
C ASN A 3 17.60 -19.24 -6.78
N PHE A 4 16.51 -19.68 -7.41
CA PHE A 4 15.91 -18.96 -8.53
C PHE A 4 14.44 -18.75 -8.19
N ALA A 5 13.82 -17.72 -8.77
CA ALA A 5 12.42 -17.44 -8.48
C ALA A 5 11.58 -17.16 -9.72
N ILE A 6 10.38 -17.71 -9.74
CA ILE A 6 9.43 -17.52 -10.83
C ILE A 6 8.11 -17.03 -10.25
N ILE A 7 7.73 -15.80 -10.60
CA ILE A 7 6.49 -15.22 -10.12
C ILE A 7 5.48 -15.19 -11.27
N LEU A 8 4.33 -15.83 -11.08
CA LEU A 8 3.29 -15.88 -12.11
C LEU A 8 2.36 -14.68 -11.97
N ALA A 9 2.33 -13.86 -13.02
CA ALA A 9 1.52 -12.65 -13.01
C ALA A 9 0.87 -12.35 -14.37
N ALA A 10 0.64 -13.40 -15.16
CA ALA A 10 0.05 -13.25 -16.50
C ALA A 10 -1.44 -13.57 -16.61
N GLY A 11 -2.02 -14.15 -15.56
CA GLY A 11 -3.42 -14.52 -15.58
C GLY A 11 -4.45 -13.45 -15.87
N LYS A 12 -5.66 -13.89 -16.24
CA LYS A 12 -6.76 -13.00 -16.57
C LYS A 12 -7.52 -12.50 -15.34
N GLY A 13 -7.56 -13.32 -14.28
CA GLY A 13 -8.26 -12.96 -13.06
C GLY A 13 -9.72 -12.63 -13.27
N THR A 14 -10.41 -13.49 -14.03
CA THR A 14 -11.82 -13.32 -14.36
C THR A 14 -12.78 -13.05 -13.18
N ARG A 15 -12.63 -13.80 -12.09
CA ARG A 15 -13.48 -13.64 -10.92
C ARG A 15 -13.39 -12.25 -10.28
N MET A 16 -12.30 -11.53 -10.53
CA MET A 16 -12.12 -10.19 -9.99
C MET A 16 -13.08 -9.20 -10.64
N LYS A 17 -13.43 -9.44 -11.91
CA LYS A 17 -14.31 -8.56 -12.67
C LYS A 17 -13.68 -7.17 -12.71
N SER A 18 -12.45 -7.14 -13.22
CA SER A 18 -11.68 -5.92 -13.28
C SER A 18 -10.84 -5.80 -14.57
N ASP A 19 -10.61 -4.54 -14.99
CA ASP A 19 -9.79 -4.26 -16.16
C ASP A 19 -8.34 -4.23 -15.73
N LEU A 20 -8.13 -4.04 -14.44
CA LEU A 20 -6.79 -4.00 -13.86
C LEU A 20 -6.38 -5.44 -13.57
N PRO A 21 -5.19 -5.86 -14.02
CA PRO A 21 -4.71 -7.22 -13.78
C PRO A 21 -4.82 -7.53 -12.28
N LYS A 22 -5.34 -8.70 -11.96
CA LYS A 22 -5.55 -9.12 -10.57
C LYS A 22 -4.37 -8.86 -9.63
N VAL A 23 -3.18 -9.28 -10.03
CA VAL A 23 -1.99 -9.10 -9.19
C VAL A 23 -1.67 -7.66 -8.83
N LEU A 24 -2.23 -6.72 -9.59
CA LEU A 24 -1.99 -5.30 -9.33
C LEU A 24 -2.95 -4.69 -8.33
N HIS A 25 -3.98 -5.43 -7.92
CA HIS A 25 -4.93 -4.93 -6.94
C HIS A 25 -4.18 -4.75 -5.62
N LYS A 26 -4.37 -3.58 -5.02
CA LYS A 26 -3.68 -3.24 -3.79
C LYS A 26 -4.17 -3.83 -2.49
N VAL A 27 -3.21 -4.07 -1.60
CA VAL A 27 -3.45 -4.58 -0.26
C VAL A 27 -2.54 -3.73 0.61
N ALA A 28 -3.14 -2.92 1.47
CA ALA A 28 -2.40 -2.04 2.37
C ALA A 28 -1.44 -1.07 1.67
N GLY A 29 -1.87 -0.53 0.53
CA GLY A 29 -1.05 0.44 -0.17
C GLY A 29 -0.18 0.01 -1.35
N ILE A 30 0.11 -1.29 -1.47
CA ILE A 30 0.90 -1.78 -2.60
C ILE A 30 0.19 -2.98 -3.20
N SER A 31 0.49 -3.29 -4.46
CA SER A 31 -0.13 -4.41 -5.15
C SER A 31 0.23 -5.75 -4.53
N MET A 32 -0.63 -6.74 -4.76
CA MET A 32 -0.38 -8.09 -4.25
C MET A 32 0.95 -8.58 -4.82
N LEU A 33 1.22 -8.22 -6.07
CA LEU A 33 2.46 -8.62 -6.74
C LEU A 33 3.70 -8.12 -5.99
N GLU A 34 3.66 -6.89 -5.52
CA GLU A 34 4.77 -6.31 -4.77
C GLU A 34 4.98 -7.01 -3.43
N HIS A 35 3.88 -7.40 -2.76
CA HIS A 35 3.98 -8.12 -1.48
C HIS A 35 4.69 -9.45 -1.73
N VAL A 36 4.31 -10.13 -2.81
CA VAL A 36 4.91 -11.40 -3.19
C VAL A 36 6.39 -11.22 -3.56
N PHE A 37 6.70 -10.14 -4.30
CA PHE A 37 8.08 -9.84 -4.69
C PHE A 37 8.96 -9.60 -3.46
N ARG A 38 8.42 -8.90 -2.46
CA ARG A 38 9.17 -8.63 -1.24
C ARG A 38 9.47 -9.91 -0.47
N SER A 39 8.51 -10.83 -0.45
CA SER A 39 8.71 -12.09 0.24
C SER A 39 9.80 -12.91 -0.46
N VAL A 40 9.73 -12.94 -1.79
CA VAL A 40 10.70 -13.67 -2.62
C VAL A 40 12.14 -13.25 -2.31
N GLY A 41 12.36 -11.95 -2.10
CA GLY A 41 13.68 -11.45 -1.80
C GLY A 41 14.35 -12.10 -0.60
N ALA A 42 13.55 -12.69 0.28
CA ALA A 42 14.09 -13.33 1.47
C ALA A 42 14.96 -14.56 1.16
N ILE A 43 14.71 -15.21 0.03
CA ILE A 43 15.49 -16.38 -0.35
C ILE A 43 16.76 -15.99 -1.12
N GLN A 44 16.96 -14.68 -1.32
CA GLN A 44 18.11 -14.14 -2.02
C GLN A 44 18.35 -14.86 -3.35
N PRO A 45 17.35 -14.81 -4.25
CA PRO A 45 17.46 -15.47 -5.56
C PRO A 45 18.52 -14.84 -6.47
N GLU A 46 19.25 -15.68 -7.19
CA GLU A 46 20.28 -15.21 -8.12
C GLU A 46 19.60 -14.70 -9.38
N LYS A 47 18.43 -15.26 -9.68
CA LYS A 47 17.65 -14.86 -10.85
C LYS A 47 16.18 -14.81 -10.47
N THR A 48 15.49 -13.78 -10.95
CA THR A 48 14.07 -13.61 -10.68
C THR A 48 13.37 -13.35 -12.00
N VAL A 49 12.37 -14.18 -12.30
CA VAL A 49 11.61 -14.05 -13.54
C VAL A 49 10.12 -13.91 -13.26
N THR A 50 9.53 -12.83 -13.78
CA THR A 50 8.10 -12.57 -13.61
C THR A 50 7.38 -12.83 -14.92
N VAL A 51 6.49 -13.80 -14.92
CA VAL A 51 5.73 -14.16 -16.10
C VAL A 51 4.56 -13.21 -16.28
N VAL A 52 4.58 -12.45 -17.37
CA VAL A 52 3.53 -11.49 -17.68
C VAL A 52 2.81 -11.89 -18.95
N GLY A 53 1.60 -11.36 -19.13
CA GLY A 53 0.82 -11.67 -20.30
C GLY A 53 -0.33 -10.70 -20.43
N HIS A 54 -1.39 -10.94 -19.65
CA HIS A 54 -2.57 -10.07 -19.66
C HIS A 54 -2.17 -8.68 -19.16
N LYS A 55 -2.20 -7.71 -20.09
CA LYS A 55 -1.83 -6.31 -19.82
C LYS A 55 -0.46 -6.23 -19.14
N ALA A 56 0.50 -6.90 -19.79
CA ALA A 56 1.88 -6.98 -19.33
C ALA A 56 2.56 -5.63 -19.08
N GLU A 57 2.23 -4.63 -19.90
CA GLU A 57 2.83 -3.30 -19.76
C GLU A 57 2.54 -2.66 -18.40
N LEU A 58 1.35 -2.91 -17.86
CA LEU A 58 0.98 -2.36 -16.56
C LEU A 58 1.78 -3.05 -15.46
N VAL A 59 1.94 -4.37 -15.61
CA VAL A 59 2.69 -5.16 -14.65
C VAL A 59 4.20 -4.85 -14.70
N GLU A 60 4.75 -4.72 -15.91
CA GLU A 60 6.17 -4.42 -16.08
C GLU A 60 6.56 -3.07 -15.47
N GLU A 61 5.64 -2.12 -15.48
CA GLU A 61 5.88 -0.79 -14.94
C GLU A 61 6.07 -0.83 -13.42
N VAL A 62 5.29 -1.68 -12.77
CA VAL A 62 5.33 -1.85 -11.32
C VAL A 62 6.68 -2.40 -10.82
N LEU A 63 7.17 -3.44 -11.48
CA LEU A 63 8.44 -4.06 -11.09
C LEU A 63 9.60 -3.78 -12.05
N ALA A 64 9.50 -2.69 -12.79
CA ALA A 64 10.54 -2.29 -13.75
C ALA A 64 11.90 -2.19 -13.09
N GLY A 65 12.90 -2.85 -13.68
CA GLY A 65 14.25 -2.82 -13.15
C GLY A 65 14.50 -3.63 -11.88
N GLN A 66 13.53 -4.44 -11.48
CA GLN A 66 13.67 -5.25 -10.27
C GLN A 66 13.60 -6.75 -10.56
N THR A 67 13.21 -7.11 -11.78
CA THR A 67 13.09 -8.51 -12.16
C THR A 67 13.11 -8.65 -13.67
N GLU A 68 13.44 -9.85 -14.15
CA GLU A 68 13.44 -10.14 -15.57
C GLU A 68 12.01 -10.50 -15.93
N PHE A 69 11.60 -10.18 -17.15
CA PHE A 69 10.22 -10.48 -17.59
C PHE A 69 10.18 -11.39 -18.81
N VAL A 70 9.18 -12.29 -18.82
CA VAL A 70 8.95 -13.20 -19.93
C VAL A 70 7.47 -13.10 -20.26
N THR A 71 7.14 -13.08 -21.55
CA THR A 71 5.75 -12.97 -21.98
C THR A 71 5.07 -14.31 -22.26
N GLN A 72 3.84 -14.43 -21.79
CA GLN A 72 3.01 -15.62 -22.02
C GLN A 72 1.87 -15.08 -22.87
N SER A 73 2.04 -15.16 -24.19
CA SER A 73 1.04 -14.67 -25.16
C SER A 73 -0.39 -15.08 -24.87
N GLU A 74 -0.59 -16.34 -24.53
CA GLU A 74 -1.90 -16.87 -24.22
C GLU A 74 -1.88 -17.51 -22.85
N GLN A 75 -2.93 -17.26 -22.06
CA GLN A 75 -3.03 -17.81 -20.71
C GLN A 75 -3.55 -19.24 -20.80
N LEU A 76 -2.64 -20.14 -21.12
CA LEU A 76 -2.96 -21.56 -21.26
C LEU A 76 -2.77 -22.36 -19.98
N GLY A 77 -2.43 -21.69 -18.89
CA GLY A 77 -2.24 -22.39 -17.63
C GLY A 77 -1.00 -22.03 -16.84
N THR A 78 -1.03 -22.34 -15.55
CA THR A 78 0.10 -22.07 -14.66
C THR A 78 1.35 -22.84 -15.08
N GLY A 79 1.16 -24.06 -15.57
CA GLY A 79 2.28 -24.87 -16.02
C GLY A 79 2.90 -24.24 -17.26
N HIS A 80 2.02 -23.81 -18.17
CA HIS A 80 2.43 -23.16 -19.41
C HIS A 80 3.20 -21.88 -19.11
N ALA A 81 2.78 -21.16 -18.06
CA ALA A 81 3.44 -19.92 -17.66
C ALA A 81 4.88 -20.18 -17.23
N VAL A 82 5.09 -21.25 -16.47
CA VAL A 82 6.42 -21.62 -16.00
C VAL A 82 7.30 -22.02 -17.19
N MET A 83 6.67 -22.53 -18.24
CA MET A 83 7.39 -22.95 -19.46
C MET A 83 8.00 -21.76 -20.18
N MET A 84 7.38 -20.59 -20.01
CA MET A 84 7.87 -19.36 -20.64
C MET A 84 9.21 -18.92 -20.07
N THR A 85 9.55 -19.45 -18.89
CA THR A 85 10.81 -19.10 -18.24
C THR A 85 11.97 -19.99 -18.67
N GLU A 86 11.70 -20.90 -19.60
CA GLU A 86 12.71 -21.83 -20.10
C GLU A 86 13.94 -21.18 -20.72
N PRO A 87 13.76 -20.25 -21.68
CA PRO A 87 14.90 -19.59 -22.33
C PRO A 87 15.90 -18.97 -21.35
N ILE A 88 15.43 -18.66 -20.14
CA ILE A 88 16.27 -18.05 -19.12
C ILE A 88 16.79 -19.01 -18.05
N LEU A 89 15.94 -19.93 -17.60
CA LEU A 89 16.34 -20.88 -16.55
C LEU A 89 16.76 -22.29 -16.97
N GLU A 90 16.41 -22.71 -18.18
CA GLU A 90 16.76 -24.05 -18.66
C GLU A 90 18.26 -24.34 -18.59
N GLY A 91 18.62 -25.48 -18.00
CA GLY A 91 20.01 -25.86 -17.88
C GLY A 91 20.68 -25.55 -16.55
N LEU A 92 20.32 -24.42 -15.95
CA LEU A 92 20.89 -24.00 -14.67
C LEU A 92 20.65 -25.01 -13.54
N SER A 93 21.58 -25.02 -12.59
CA SER A 93 21.50 -25.93 -11.44
C SER A 93 21.14 -25.17 -10.16
N GLY A 94 20.07 -25.62 -9.49
CA GLY A 94 19.65 -24.97 -8.28
C GLY A 94 18.21 -25.23 -7.89
N HIS A 95 17.75 -24.55 -6.84
CA HIS A 95 16.39 -24.68 -6.34
C HIS A 95 15.53 -23.54 -6.86
N THR A 96 14.54 -23.87 -7.68
CA THR A 96 13.65 -22.88 -8.27
C THR A 96 12.31 -22.74 -7.58
N LEU A 97 12.05 -21.55 -7.03
CA LEU A 97 10.79 -21.28 -6.36
C LEU A 97 9.76 -20.73 -7.34
N VAL A 98 8.57 -21.31 -7.32
CA VAL A 98 7.47 -20.86 -8.16
C VAL A 98 6.38 -20.36 -7.21
N ILE A 99 5.98 -19.10 -7.40
CA ILE A 99 4.97 -18.50 -6.54
C ILE A 99 3.95 -17.69 -7.35
N ALA A 100 2.71 -17.72 -6.90
CA ALA A 100 1.63 -17.00 -7.56
C ALA A 100 1.66 -15.53 -7.12
N GLY A 101 1.18 -14.65 -7.97
CA GLY A 101 1.17 -13.23 -7.65
C GLY A 101 -0.06 -12.81 -6.88
N ASP A 102 -0.96 -13.76 -6.60
CA ASP A 102 -2.20 -13.49 -5.88
C ASP A 102 -2.27 -14.07 -4.46
N THR A 103 -1.10 -14.34 -3.89
CA THR A 103 -1.01 -14.89 -2.52
C THR A 103 -0.07 -13.92 -1.80
N PRO A 104 -0.58 -12.70 -1.49
CA PRO A 104 0.15 -11.62 -0.83
C PRO A 104 0.45 -11.78 0.65
N LEU A 105 -0.09 -12.81 1.29
CA LEU A 105 0.13 -13.01 2.71
C LEU A 105 1.32 -13.90 3.07
N ILE A 106 1.84 -14.66 2.11
CA ILE A 106 2.99 -15.52 2.37
C ILE A 106 4.20 -14.65 2.70
N THR A 107 4.86 -14.94 3.82
CA THR A 107 6.02 -14.15 4.24
C THR A 107 7.36 -14.68 3.74
N GLY A 108 8.35 -13.81 3.76
CA GLY A 108 9.68 -14.19 3.33
C GLY A 108 10.22 -15.26 4.26
N GLU A 109 9.86 -15.16 5.54
CA GLU A 109 10.29 -16.13 6.54
C GLU A 109 9.78 -17.52 6.18
N SER A 110 8.55 -17.58 5.69
CA SER A 110 7.93 -18.83 5.27
C SER A 110 8.63 -19.42 4.05
N LEU A 111 9.02 -18.54 3.12
CA LEU A 111 9.70 -18.99 1.92
C LEU A 111 11.11 -19.51 2.24
N LYS A 112 11.73 -18.94 3.27
CA LYS A 112 13.06 -19.36 3.69
C LYS A 112 12.95 -20.76 4.30
N ASN A 113 11.93 -20.96 5.12
CA ASN A 113 11.69 -22.25 5.76
C ASN A 113 11.36 -23.31 4.72
N LEU A 114 10.68 -22.88 3.65
CA LEU A 114 10.30 -23.79 2.55
C LEU A 114 11.53 -24.30 1.81
N ILE A 115 12.42 -23.39 1.42
CA ILE A 115 13.64 -23.77 0.72
C ILE A 115 14.57 -24.61 1.59
N ASP A 116 14.65 -24.26 2.88
CA ASP A 116 15.49 -25.00 3.81
C ASP A 116 14.97 -26.43 3.96
N PHE A 117 13.64 -26.58 3.94
CA PHE A 117 13.01 -27.89 4.06
C PHE A 117 13.34 -28.70 2.81
N HIS A 118 13.20 -28.05 1.65
CA HIS A 118 13.47 -28.68 0.35
C HIS A 118 14.89 -29.23 0.26
N ILE A 119 15.87 -28.40 0.63
CA ILE A 119 17.27 -28.79 0.60
C ILE A 119 17.58 -29.90 1.60
N ASN A 120 17.13 -29.72 2.84
CA ASN A 120 17.34 -30.70 3.91
C ASN A 120 16.80 -32.08 3.59
N HIS A 121 15.59 -32.14 3.06
CA HIS A 121 14.95 -33.40 2.72
C HIS A 121 15.34 -33.90 1.33
N LYS A 122 16.19 -33.12 0.65
CA LYS A 122 16.68 -33.46 -0.69
C LYS A 122 15.56 -33.85 -1.64
N ASN A 123 14.52 -33.01 -1.71
CA ASN A 123 13.37 -33.26 -2.57
C ASN A 123 13.58 -32.73 -3.99
N VAL A 124 12.86 -33.32 -4.94
CA VAL A 124 12.90 -32.88 -6.32
C VAL A 124 11.82 -31.80 -6.45
N ALA A 125 10.84 -31.87 -5.56
CA ALA A 125 9.75 -30.91 -5.53
C ALA A 125 9.16 -30.83 -4.13
N THR A 126 8.99 -29.60 -3.63
CA THR A 126 8.42 -29.38 -2.32
C THR A 126 7.25 -28.39 -2.49
N ILE A 127 6.10 -28.76 -1.96
CA ILE A 127 4.90 -27.93 -2.04
C ILE A 127 4.65 -27.22 -0.72
N LEU A 128 4.33 -25.93 -0.79
CA LEU A 128 4.01 -25.18 0.43
C LEU A 128 2.52 -25.43 0.64
N THR A 129 2.18 -26.05 1.76
CA THR A 129 0.78 -26.36 2.04
C THR A 129 0.26 -25.72 3.33
N ALA A 130 -1.03 -25.93 3.57
CA ALA A 130 -1.71 -25.42 4.75
C ALA A 130 -3.04 -26.18 4.87
N GLU A 131 -3.76 -25.92 5.94
CA GLU A 131 -5.05 -26.58 6.16
C GLU A 131 -6.13 -25.55 6.46
N THR A 132 -7.32 -25.78 5.91
CA THR A 132 -8.44 -24.87 6.11
C THR A 132 -9.77 -25.61 6.07
N ASP A 133 -10.74 -25.13 6.84
CA ASP A 133 -12.07 -25.73 6.89
C ASP A 133 -12.91 -25.45 5.65
N ASN A 134 -12.48 -24.47 4.85
CA ASN A 134 -13.16 -24.12 3.61
C ASN A 134 -12.13 -24.11 2.47
N PRO A 135 -11.75 -25.30 1.98
CA PRO A 135 -10.78 -25.46 0.90
C PRO A 135 -11.31 -25.19 -0.52
N PHE A 136 -12.54 -24.72 -0.65
CA PHE A 136 -13.13 -24.47 -1.97
C PHE A 136 -12.25 -23.57 -2.86
N GLY A 137 -12.01 -24.04 -4.08
CA GLY A 137 -11.21 -23.28 -5.03
C GLY A 137 -9.71 -23.61 -5.02
N TYR A 138 -9.26 -24.24 -3.94
CA TYR A 138 -7.85 -24.60 -3.83
C TYR A 138 -7.58 -26.02 -4.31
N GLY A 139 -6.36 -26.25 -4.79
CA GLY A 139 -5.98 -27.58 -5.21
C GLY A 139 -5.81 -28.36 -3.92
N ARG A 140 -6.28 -29.60 -3.89
CA ARG A 140 -6.18 -30.43 -2.70
C ARG A 140 -4.90 -31.27 -2.73
N ILE A 141 -4.30 -31.46 -1.55
CA ILE A 141 -3.10 -32.27 -1.43
C ILE A 141 -3.51 -33.72 -1.14
N VAL A 142 -3.25 -34.61 -2.10
CA VAL A 142 -3.59 -36.02 -1.96
C VAL A 142 -2.41 -36.84 -1.48
N ARG A 143 -2.58 -37.50 -0.33
CA ARG A 143 -1.54 -38.33 0.27
C ARG A 143 -2.05 -39.77 0.39
N ASN A 144 -1.13 -40.71 0.63
CA ASN A 144 -1.50 -42.11 0.79
C ASN A 144 -1.61 -42.45 2.27
N ASP A 145 -1.63 -43.75 2.59
CA ASP A 145 -1.72 -44.21 3.96
C ASP A 145 -0.58 -43.73 4.87
N ASN A 146 0.65 -43.70 4.34
CA ASN A 146 1.81 -43.27 5.10
C ASN A 146 2.16 -41.78 4.92
N ALA A 147 1.12 -40.97 4.72
CA ALA A 147 1.24 -39.53 4.55
C ALA A 147 2.21 -39.02 3.47
N GLU A 148 2.40 -39.80 2.41
CA GLU A 148 3.28 -39.40 1.31
C GLU A 148 2.47 -38.68 0.25
N VAL A 149 2.98 -37.55 -0.23
CA VAL A 149 2.30 -36.75 -1.25
C VAL A 149 2.25 -37.48 -2.59
N LEU A 150 1.04 -37.72 -3.08
CA LEU A 150 0.83 -38.41 -4.35
C LEU A 150 0.61 -37.47 -5.53
N ARG A 151 -0.19 -36.43 -5.30
CA ARG A 151 -0.51 -35.46 -6.36
C ARG A 151 -1.34 -34.29 -5.83
N ILE A 152 -1.64 -33.36 -6.73
CA ILE A 152 -2.46 -32.20 -6.40
C ILE A 152 -3.64 -32.20 -7.34
N VAL A 153 -4.85 -32.24 -6.78
CA VAL A 153 -6.06 -32.25 -7.60
C VAL A 153 -6.84 -30.94 -7.45
N GLU A 154 -7.07 -30.27 -8.58
CA GLU A 154 -7.81 -29.01 -8.60
C GLU A 154 -9.27 -29.17 -8.21
N GLN A 155 -9.86 -28.08 -7.73
CA GLN A 155 -11.26 -28.06 -7.31
C GLN A 155 -12.18 -28.63 -8.40
N LYS A 156 -12.05 -28.09 -9.60
CA LYS A 156 -12.87 -28.50 -10.74
C LYS A 156 -12.65 -29.93 -11.23
N ASP A 157 -11.58 -30.58 -10.79
CA ASP A 157 -11.28 -31.95 -11.20
C ASP A 157 -11.46 -32.95 -10.06
N ALA A 158 -11.62 -32.43 -8.85
CA ALA A 158 -11.76 -33.27 -7.67
C ALA A 158 -13.08 -33.99 -7.50
N THR A 159 -13.00 -35.21 -6.98
CA THR A 159 -14.18 -36.02 -6.71
C THR A 159 -14.75 -35.51 -5.37
N ASP A 160 -15.93 -35.99 -4.99
CA ASP A 160 -16.55 -35.58 -3.73
C ASP A 160 -15.67 -35.97 -2.53
N PHE A 161 -14.97 -37.09 -2.67
CA PHE A 161 -14.09 -37.57 -1.62
C PHE A 161 -12.89 -36.63 -1.53
N GLU A 162 -12.35 -36.25 -2.68
CA GLU A 162 -11.19 -35.36 -2.75
C GLU A 162 -11.53 -33.92 -2.33
N LYS A 163 -12.76 -33.49 -2.56
CA LYS A 163 -13.20 -32.15 -2.18
C LYS A 163 -13.23 -31.98 -0.67
N GLN A 164 -13.36 -33.09 0.04
CA GLN A 164 -13.40 -33.09 1.51
C GLN A 164 -12.03 -32.88 2.14
N ILE A 165 -10.98 -32.96 1.31
CA ILE A 165 -9.62 -32.76 1.79
C ILE A 165 -9.43 -31.30 2.24
N LYS A 166 -8.92 -31.12 3.46
CA LYS A 166 -8.71 -29.80 4.03
C LYS A 166 -7.31 -29.25 3.75
N GLU A 167 -6.36 -30.14 3.44
CA GLU A 167 -5.00 -29.71 3.14
C GLU A 167 -4.95 -29.17 1.72
N ILE A 168 -4.61 -27.89 1.61
CA ILE A 168 -4.58 -27.20 0.33
C ILE A 168 -3.21 -26.80 -0.20
N ASN A 169 -3.14 -26.59 -1.51
CA ASN A 169 -1.92 -26.15 -2.17
C ASN A 169 -1.95 -24.62 -2.13
N THR A 170 -0.84 -24.01 -1.68
CA THR A 170 -0.77 -22.56 -1.60
C THR A 170 -0.37 -21.93 -2.93
N GLY A 171 0.07 -22.76 -3.87
CA GLY A 171 0.50 -22.25 -5.16
C GLY A 171 1.98 -21.90 -5.14
N THR A 172 2.64 -22.20 -4.03
CA THR A 172 4.07 -21.93 -3.89
C THR A 172 4.79 -23.27 -3.78
N TYR A 173 5.85 -23.42 -4.56
CA TYR A 173 6.64 -24.64 -4.56
C TYR A 173 8.10 -24.32 -4.78
N VAL A 174 8.94 -25.34 -4.60
CA VAL A 174 10.36 -25.25 -4.83
C VAL A 174 10.66 -26.52 -5.63
N PHE A 175 11.20 -26.34 -6.83
CA PHE A 175 11.53 -27.46 -7.71
C PHE A 175 13.02 -27.48 -8.01
N ASP A 176 13.54 -28.67 -8.28
CA ASP A 176 14.94 -28.80 -8.67
C ASP A 176 14.87 -28.25 -10.09
N ASN A 177 15.59 -27.17 -10.35
CA ASN A 177 15.55 -26.52 -11.66
C ASN A 177 15.72 -27.42 -12.88
N GLU A 178 16.70 -28.31 -12.83
CA GLU A 178 16.97 -29.22 -13.94
C GLU A 178 15.84 -30.21 -14.24
N ARG A 179 15.30 -30.81 -13.19
CA ARG A 179 14.21 -31.77 -13.35
C ARG A 179 12.86 -31.11 -13.65
N LEU A 180 12.73 -29.83 -13.31
CA LEU A 180 11.50 -29.08 -13.52
C LEU A 180 11.07 -28.97 -14.99
N PHE A 181 11.97 -28.44 -15.82
CA PHE A 181 11.67 -28.24 -17.23
C PHE A 181 11.45 -29.50 -18.07
N GLU A 182 12.00 -30.62 -17.60
CA GLU A 182 11.80 -31.89 -18.31
C GLU A 182 10.43 -32.46 -17.94
N ALA A 183 10.01 -32.24 -16.70
CA ALA A 183 8.71 -32.72 -16.24
C ALA A 183 7.58 -31.87 -16.82
N LEU A 184 7.88 -30.62 -17.15
CA LEU A 184 6.90 -29.70 -17.73
C LEU A 184 6.46 -30.15 -19.11
N LYS A 185 7.37 -30.81 -19.82
CA LYS A 185 7.10 -31.31 -21.17
C LYS A 185 6.04 -32.41 -21.20
N ASN A 186 5.80 -33.03 -20.04
CA ASN A 186 4.82 -34.11 -19.94
C ASN A 186 3.43 -33.69 -19.47
N ILE A 187 3.21 -32.40 -19.26
CA ILE A 187 1.91 -31.90 -18.82
C ILE A 187 0.92 -31.88 -19.99
N ASN A 188 -0.29 -32.40 -19.73
CA ASN A 188 -1.34 -32.46 -20.73
C ASN A 188 -2.52 -31.56 -20.37
N THR A 189 -3.39 -31.30 -21.35
CA THR A 189 -4.56 -30.45 -21.14
C THR A 189 -5.82 -31.24 -20.82
N ASN A 190 -5.66 -32.53 -20.48
CA ASN A 190 -6.80 -33.38 -20.17
C ASN A 190 -7.37 -33.11 -18.77
N ASN A 191 -8.16 -32.03 -18.67
CA ASN A 191 -8.80 -31.63 -17.42
C ASN A 191 -9.98 -30.70 -17.68
N ALA A 192 -10.76 -30.43 -16.64
CA ALA A 192 -11.95 -29.58 -16.73
C ALA A 192 -11.74 -28.21 -17.37
N GLN A 193 -10.56 -27.64 -17.20
CA GLN A 193 -10.24 -26.33 -17.77
C GLN A 193 -9.55 -26.41 -19.12
N GLY A 194 -8.96 -27.56 -19.43
CA GLY A 194 -8.24 -27.71 -20.68
C GLY A 194 -6.99 -26.87 -20.66
N GLU A 195 -6.36 -26.78 -19.48
CA GLU A 195 -5.15 -26.00 -19.27
C GLU A 195 -3.97 -26.84 -18.83
N TYR A 196 -2.78 -26.25 -18.91
CA TYR A 196 -1.55 -26.90 -18.48
C TYR A 196 -1.36 -26.52 -17.01
N TYR A 197 -1.72 -27.43 -16.11
CA TYR A 197 -1.58 -27.19 -14.67
C TYR A 197 -0.14 -27.39 -14.22
N ILE A 198 0.36 -26.48 -13.39
CA ILE A 198 1.71 -26.62 -12.86
C ILE A 198 1.63 -27.70 -11.78
N THR A 199 0.44 -27.80 -11.17
CA THR A 199 0.18 -28.77 -10.10
C THR A 199 0.39 -30.21 -10.56
N ASP A 200 0.31 -30.44 -11.87
CA ASP A 200 0.50 -31.76 -12.46
C ASP A 200 1.93 -32.29 -12.41
N VAL A 201 2.91 -31.41 -12.27
CA VAL A 201 4.31 -31.86 -12.21
C VAL A 201 4.56 -32.77 -11.02
N ILE A 202 3.71 -32.66 -10.00
CA ILE A 202 3.84 -33.48 -8.80
C ILE A 202 3.58 -34.94 -9.17
N GLY A 203 2.51 -35.17 -9.91
CA GLY A 203 2.17 -36.52 -10.34
C GLY A 203 3.20 -37.04 -11.33
N ILE A 204 3.66 -36.15 -12.21
CA ILE A 204 4.67 -36.51 -13.21
C ILE A 204 5.99 -36.97 -12.57
N PHE A 205 6.39 -36.30 -11.49
CA PHE A 205 7.62 -36.67 -10.79
C PHE A 205 7.50 -38.04 -10.14
N ARG A 206 6.30 -38.36 -9.66
CA ARG A 206 6.03 -39.63 -9.00
C ARG A 206 6.12 -40.83 -9.95
N GLU A 207 5.97 -40.58 -11.24
CA GLU A 207 6.04 -41.63 -12.26
C GLU A 207 7.44 -42.25 -12.29
N THR A 208 8.45 -41.41 -12.09
CA THR A 208 9.84 -41.86 -12.08
C THR A 208 10.38 -42.00 -10.66
N GLY A 209 9.47 -42.15 -9.70
CA GLY A 209 9.84 -42.30 -8.31
C GLY A 209 10.67 -41.19 -7.69
N GLU A 210 10.53 -39.97 -8.23
CA GLU A 210 11.28 -38.83 -7.70
C GLU A 210 10.68 -38.29 -6.42
N LYS A 211 11.54 -37.93 -5.48
CA LYS A 211 11.16 -37.44 -4.16
C LYS A 211 10.37 -36.13 -4.16
N VAL A 212 9.15 -36.19 -3.62
CA VAL A 212 8.28 -35.02 -3.52
C VAL A 212 7.80 -34.88 -2.07
N GLY A 213 7.88 -33.66 -1.55
CA GLY A 213 7.45 -33.43 -0.18
C GLY A 213 6.54 -32.24 -0.06
N ALA A 214 6.14 -31.94 1.17
CA ALA A 214 5.26 -30.82 1.44
C ALA A 214 5.62 -30.18 2.78
N TYR A 215 5.83 -28.87 2.76
CA TYR A 215 6.14 -28.13 3.98
C TYR A 215 4.88 -27.37 4.38
N THR A 216 4.44 -27.56 5.62
CA THR A 216 3.23 -26.91 6.11
C THR A 216 3.49 -25.56 6.80
N LEU A 217 2.72 -24.55 6.41
CA LEU A 217 2.83 -23.22 6.99
C LEU A 217 2.51 -23.24 8.48
N LYS A 218 3.27 -22.48 9.27
CA LYS A 218 3.03 -22.41 10.70
C LYS A 218 1.75 -21.61 10.93
N ASP A 219 1.55 -20.59 10.10
CA ASP A 219 0.38 -19.72 10.17
C ASP A 219 -0.45 -19.93 8.91
N PHE A 220 -1.61 -20.58 9.08
CA PHE A 220 -2.51 -20.86 7.96
C PHE A 220 -3.12 -19.63 7.30
N ASP A 221 -3.07 -18.48 7.98
CA ASP A 221 -3.62 -17.24 7.42
C ASP A 221 -2.83 -16.81 6.19
N GLU A 222 -1.57 -17.24 6.12
CA GLU A 222 -0.69 -16.89 5.01
C GLU A 222 -1.05 -17.57 3.70
N SER A 223 -1.86 -18.64 3.79
CA SER A 223 -2.25 -19.43 2.62
C SER A 223 -3.27 -18.82 1.67
N LEU A 224 -3.90 -17.72 2.07
CA LEU A 224 -4.93 -17.07 1.26
C LEU A 224 -4.58 -16.84 -0.22
N GLY A 225 -5.44 -17.38 -1.08
CA GLY A 225 -5.30 -17.21 -2.50
C GLY A 225 -6.39 -16.23 -2.90
N VAL A 226 -6.01 -15.10 -3.48
CA VAL A 226 -6.98 -14.09 -3.85
C VAL A 226 -7.47 -14.20 -5.30
N ASN A 227 -8.65 -14.78 -5.50
CA ASN A 227 -9.22 -14.92 -6.83
C ASN A 227 -10.38 -13.95 -7.08
N ASP A 228 -10.96 -13.42 -6.02
CA ASP A 228 -12.06 -12.46 -6.15
C ASP A 228 -11.94 -11.35 -5.09
N ARG A 229 -12.88 -10.42 -5.09
CA ARG A 229 -12.81 -9.32 -4.13
C ARG A 229 -13.18 -9.67 -2.70
N VAL A 230 -13.82 -10.82 -2.52
CA VAL A 230 -14.16 -11.29 -1.18
C VAL A 230 -12.84 -11.70 -0.52
N ALA A 231 -12.01 -12.41 -1.29
CA ALA A 231 -10.70 -12.85 -0.80
C ALA A 231 -9.76 -11.66 -0.63
N LEU A 232 -9.87 -10.66 -1.52
CA LEU A 232 -9.03 -9.47 -1.43
C LEU A 232 -9.31 -8.73 -0.11
N ALA A 233 -10.58 -8.68 0.31
CA ALA A 233 -10.92 -8.01 1.57
C ALA A 233 -10.34 -8.78 2.76
N THR A 234 -10.27 -10.11 2.64
CA THR A 234 -9.68 -10.93 3.69
C THR A 234 -8.19 -10.64 3.75
N ALA A 235 -7.56 -10.49 2.59
CA ALA A 235 -6.11 -10.18 2.55
C ALA A 235 -5.87 -8.85 3.23
N GLU A 236 -6.72 -7.86 2.96
CA GLU A 236 -6.61 -6.54 3.58
C GLU A 236 -6.72 -6.68 5.09
N SER A 237 -7.65 -7.51 5.53
CA SER A 237 -7.88 -7.73 6.96
C SER A 237 -6.68 -8.35 7.67
N VAL A 238 -6.09 -9.37 7.07
CA VAL A 238 -4.91 -10.04 7.65
C VAL A 238 -3.69 -9.13 7.61
N MET A 239 -3.47 -8.46 6.48
CA MET A 239 -2.33 -7.57 6.33
C MET A 239 -2.44 -6.38 7.30
N ARG A 240 -3.67 -5.88 7.48
CA ARG A 240 -3.94 -4.76 8.38
C ARG A 240 -3.62 -5.15 9.83
N ARG A 241 -3.99 -6.38 10.19
CA ARG A 241 -3.74 -6.90 11.53
C ARG A 241 -2.23 -7.04 11.74
N ARG A 242 -1.53 -7.55 10.71
CA ARG A 242 -0.08 -7.74 10.75
C ARG A 242 0.64 -6.40 10.96
N ILE A 243 0.32 -5.42 10.11
CA ILE A 243 0.92 -4.09 10.18
C ILE A 243 0.68 -3.43 11.55
N ASN A 244 -0.56 -3.42 12.00
CA ASN A 244 -0.90 -2.78 13.28
C ASN A 244 -0.31 -3.48 14.50
N HIS A 245 -0.14 -4.80 14.40
CA HIS A 245 0.44 -5.58 15.49
C HIS A 245 1.89 -5.14 15.66
N LYS A 246 2.58 -4.98 14.54
CA LYS A 246 3.97 -4.55 14.53
C LYS A 246 4.10 -3.17 15.18
N HIS A 247 3.15 -2.28 14.88
CA HIS A 247 3.16 -0.94 15.46
C HIS A 247 2.92 -0.96 16.97
N MET A 248 2.01 -1.83 17.41
CA MET A 248 1.73 -1.94 18.83
C MET A 248 2.93 -2.49 19.59
N VAL A 249 3.61 -3.47 19.00
CA VAL A 249 4.81 -4.05 19.62
C VAL A 249 5.87 -2.95 19.72
N ASN A 250 5.87 -2.05 18.73
CA ASN A 250 6.81 -0.93 18.67
C ASN A 250 6.42 0.22 19.62
N GLY A 251 5.38 0.04 20.42
CA GLY A 251 4.98 1.07 21.35
C GLY A 251 3.94 2.08 20.88
N VAL A 252 3.11 1.69 19.92
CA VAL A 252 2.07 2.59 19.42
C VAL A 252 0.71 2.10 19.96
N SER A 253 -0.06 3.00 20.55
CA SER A 253 -1.37 2.61 21.07
C SER A 253 -2.45 2.75 20.00
N PHE A 254 -3.36 1.78 19.97
CA PHE A 254 -4.46 1.73 19.01
C PHE A 254 -5.75 1.48 19.78
N VAL A 255 -6.73 2.38 19.65
CA VAL A 255 -8.02 2.18 20.31
C VAL A 255 -8.69 0.96 19.68
N ASN A 256 -8.47 0.78 18.38
CA ASN A 256 -9.05 -0.34 17.64
C ASN A 256 -8.21 -0.69 16.41
N PRO A 257 -7.22 -1.59 16.59
CA PRO A 257 -6.34 -2.03 15.51
C PRO A 257 -7.07 -2.75 14.36
N GLU A 258 -8.28 -3.23 14.63
CA GLU A 258 -9.07 -3.92 13.60
C GLU A 258 -9.80 -2.93 12.70
N ALA A 259 -9.81 -1.66 13.08
CA ALA A 259 -10.49 -0.63 12.30
C ALA A 259 -9.63 0.61 12.08
N THR A 260 -8.34 0.39 11.87
CA THR A 260 -7.38 1.48 11.64
C THR A 260 -6.64 1.07 10.38
N TYR A 261 -6.53 2.00 9.43
CA TYR A 261 -5.97 1.71 8.12
C TYR A 261 -4.61 2.34 7.82
N ILE A 262 -3.56 1.55 8.04
CA ILE A 262 -2.19 2.00 7.86
C ILE A 262 -1.45 1.19 6.81
N ASP A 263 -0.96 1.88 5.78
CA ASP A 263 -0.23 1.26 4.68
C ASP A 263 1.06 0.57 5.12
N ILE A 264 1.47 -0.40 4.32
CA ILE A 264 2.64 -1.22 4.56
C ILE A 264 3.96 -0.50 4.87
N ASP A 265 4.23 0.61 4.18
CA ASP A 265 5.48 1.34 4.42
C ASP A 265 5.41 2.55 5.34
N VAL A 266 4.30 2.72 6.04
CA VAL A 266 4.15 3.84 6.96
C VAL A 266 5.00 3.63 8.21
N GLU A 267 5.72 4.67 8.63
CA GLU A 267 6.59 4.60 9.80
C GLU A 267 5.96 5.39 10.94
N ILE A 268 5.93 4.79 12.13
CA ILE A 268 5.33 5.44 13.30
C ILE A 268 6.23 5.27 14.52
N ALA A 269 6.54 6.39 15.17
CA ALA A 269 7.41 6.38 16.35
C ALA A 269 6.68 5.90 17.59
N SER A 270 7.44 5.56 18.64
CA SER A 270 6.85 5.10 19.89
C SER A 270 6.05 6.20 20.56
N GLU A 271 5.13 5.80 21.42
CA GLU A 271 4.26 6.70 22.18
C GLU A 271 3.15 7.41 21.39
N VAL A 272 3.06 7.12 20.09
CA VAL A 272 2.02 7.71 19.26
C VAL A 272 0.69 7.07 19.67
N GLN A 273 -0.35 7.90 19.73
CA GLN A 273 -1.70 7.44 20.09
C GLN A 273 -2.57 7.54 18.85
N ILE A 274 -3.14 6.42 18.44
CA ILE A 274 -3.97 6.38 17.25
C ILE A 274 -5.38 5.90 17.58
N GLU A 275 -6.36 6.77 17.40
CA GLU A 275 -7.74 6.37 17.64
C GLU A 275 -8.19 5.46 16.50
N ALA A 276 -9.37 4.88 16.64
CA ALA A 276 -9.90 4.02 15.59
C ALA A 276 -10.23 4.89 14.38
N ASN A 277 -10.32 4.25 13.23
CA ASN A 277 -10.68 4.92 11.99
C ASN A 277 -9.73 6.03 11.52
N VAL A 278 -8.44 5.82 11.75
CA VAL A 278 -7.43 6.75 11.29
C VAL A 278 -6.84 6.07 10.06
N THR A 279 -6.55 6.85 9.02
CA THR A 279 -5.99 6.33 7.77
C THR A 279 -4.65 6.98 7.48
N LEU A 280 -3.61 6.16 7.30
CA LEU A 280 -2.27 6.64 6.98
C LEU A 280 -1.82 5.90 5.73
N LYS A 281 -1.58 6.66 4.67
CA LYS A 281 -1.22 6.09 3.38
C LYS A 281 0.11 6.53 2.79
N GLY A 282 0.69 5.66 1.97
CA GLY A 282 1.94 5.97 1.30
C GLY A 282 3.17 6.16 2.16
N GLN A 283 4.00 7.09 1.73
CA GLN A 283 5.26 7.40 2.42
C GLN A 283 5.02 8.38 3.57
N THR A 284 4.19 7.96 4.51
CA THR A 284 3.85 8.77 5.67
C THR A 284 4.68 8.38 6.89
N LYS A 285 5.12 9.40 7.64
CA LYS A 285 5.93 9.20 8.85
C LYS A 285 5.31 10.01 9.98
N ILE A 286 5.18 9.39 11.15
CA ILE A 286 4.58 10.04 12.32
C ILE A 286 5.60 10.09 13.48
N GLY A 287 5.85 11.29 13.99
CA GLY A 287 6.79 11.47 15.07
C GLY A 287 6.29 11.04 16.45
N ALA A 288 7.22 10.94 17.39
CA ALA A 288 6.93 10.51 18.77
C ALA A 288 5.88 11.31 19.52
N GLU A 289 5.05 10.60 20.28
CA GLU A 289 3.99 11.18 21.10
C GLU A 289 2.85 11.88 20.38
N THR A 290 2.85 11.83 19.04
CA THR A 290 1.79 12.47 18.27
C THR A 290 0.45 11.76 18.43
N VAL A 291 -0.61 12.55 18.49
CA VAL A 291 -1.97 12.02 18.65
C VAL A 291 -2.77 12.19 17.34
N LEU A 292 -3.37 11.09 16.88
CA LEU A 292 -4.18 11.08 15.66
C LEU A 292 -5.60 10.67 16.06
N THR A 293 -6.58 11.53 15.83
CA THR A 293 -7.95 11.19 16.21
C THR A 293 -8.79 10.65 15.06
N ASN A 294 -9.90 10.01 15.41
CA ASN A 294 -10.83 9.40 14.48
C ASN A 294 -11.12 10.26 13.23
N GLY A 295 -10.96 9.67 12.06
CA GLY A 295 -11.21 10.39 10.81
C GLY A 295 -9.98 11.01 10.17
N THR A 296 -8.90 11.15 10.92
CA THR A 296 -7.67 11.72 10.36
C THR A 296 -7.19 10.84 9.22
N TYR A 297 -6.85 11.49 8.10
CA TYR A 297 -6.44 10.83 6.87
C TYR A 297 -5.18 11.51 6.35
N VAL A 298 -4.05 10.80 6.42
CA VAL A 298 -2.76 11.34 6.00
C VAL A 298 -2.15 10.54 4.84
N VAL A 299 -1.78 11.24 3.77
CA VAL A 299 -1.20 10.62 2.59
C VAL A 299 0.16 11.24 2.26
N ASP A 300 1.17 10.39 2.07
CA ASP A 300 2.53 10.83 1.71
C ASP A 300 2.98 12.10 2.44
N SER A 301 2.85 12.11 3.76
CA SER A 301 3.24 13.28 4.53
C SER A 301 4.10 12.93 5.72
N THR A 302 4.85 13.92 6.20
CA THR A 302 5.70 13.76 7.38
C THR A 302 5.11 14.63 8.49
N ILE A 303 4.84 14.02 9.63
CA ILE A 303 4.28 14.72 10.77
C ILE A 303 5.29 14.53 11.92
N GLY A 304 5.63 15.63 12.58
CA GLY A 304 6.60 15.59 13.66
C GLY A 304 6.13 15.02 14.98
N ALA A 305 6.90 15.30 16.03
CA ALA A 305 6.61 14.83 17.38
C ALA A 305 5.72 15.78 18.15
N GLY A 306 4.91 15.23 19.06
CA GLY A 306 4.04 16.06 19.89
C GLY A 306 2.94 16.80 19.14
N ALA A 307 2.65 16.39 17.92
CA ALA A 307 1.60 17.02 17.14
C ALA A 307 0.25 16.39 17.48
N VAL A 308 -0.83 17.09 17.19
CA VAL A 308 -2.18 16.57 17.44
C VAL A 308 -3.00 16.83 16.18
N ILE A 309 -3.29 15.77 15.45
CA ILE A 309 -4.06 15.87 14.21
C ILE A 309 -5.46 15.35 14.50
N THR A 310 -6.39 16.27 14.69
CA THR A 310 -7.77 15.95 14.99
C THR A 310 -8.68 15.92 13.77
N ASN A 311 -9.17 14.74 13.42
CA ASN A 311 -10.11 14.56 12.31
C ASN A 311 -9.78 15.47 11.11
N SER A 312 -8.58 15.34 10.57
CA SER A 312 -8.16 16.18 9.45
C SER A 312 -7.46 15.40 8.33
N MET A 313 -7.52 15.95 7.12
CA MET A 313 -6.89 15.32 5.96
C MET A 313 -5.64 16.10 5.57
N ILE A 314 -4.52 15.39 5.46
CA ILE A 314 -3.23 15.99 5.12
C ILE A 314 -2.58 15.23 3.96
N GLU A 315 -2.25 15.96 2.90
CA GLU A 315 -1.67 15.35 1.71
C GLU A 315 -0.35 15.97 1.25
N GLU A 316 0.61 15.12 0.94
CA GLU A 316 1.93 15.52 0.42
C GLU A 316 2.46 16.79 1.08
N SER A 317 2.52 16.78 2.41
CA SER A 317 2.98 17.96 3.13
C SER A 317 3.85 17.58 4.32
N SER A 318 4.50 18.60 4.89
CA SER A 318 5.34 18.40 6.06
C SER A 318 4.72 19.18 7.22
N VAL A 319 4.62 18.52 8.35
CA VAL A 319 4.06 19.10 9.56
C VAL A 319 5.13 18.95 10.65
N ALA A 320 5.56 20.07 11.21
CA ALA A 320 6.61 20.08 12.24
C ALA A 320 6.12 19.65 13.62
N ASP A 321 7.02 19.71 14.60
CA ASP A 321 6.70 19.33 15.98
C ASP A 321 5.66 20.28 16.59
N GLY A 322 4.85 19.72 17.49
CA GLY A 322 3.84 20.50 18.20
C GLY A 322 2.72 21.15 17.42
N VAL A 323 2.56 20.79 16.15
CA VAL A 323 1.49 21.38 15.34
C VAL A 323 0.12 20.82 15.73
N ILE A 324 -0.86 21.70 15.83
CA ILE A 324 -2.23 21.32 16.20
C ILE A 324 -3.13 21.59 14.99
N VAL A 325 -3.81 20.54 14.53
CA VAL A 325 -4.66 20.65 13.35
C VAL A 325 -6.07 20.07 13.55
N GLY A 326 -7.08 20.83 13.15
CA GLY A 326 -8.44 20.32 13.24
C GLY A 326 -9.36 20.83 14.32
N PRO A 327 -10.58 20.28 14.40
CA PRO A 327 -11.09 19.22 13.52
C PRO A 327 -11.52 19.77 12.17
N TYR A 328 -11.66 18.88 11.18
CA TYR A 328 -12.10 19.22 9.83
C TYR A 328 -11.21 20.26 9.13
N ALA A 329 -9.91 20.02 9.14
CA ALA A 329 -8.96 20.91 8.46
C ALA A 329 -8.45 20.12 7.26
N HIS A 330 -7.97 20.83 6.24
CA HIS A 330 -7.46 20.18 5.05
C HIS A 330 -6.14 20.80 4.60
N ILE A 331 -5.06 20.02 4.74
CA ILE A 331 -3.74 20.46 4.33
C ILE A 331 -3.47 19.77 3.00
N ARG A 332 -3.48 20.57 1.94
CA ARG A 332 -3.28 20.06 0.58
C ARG A 332 -1.81 19.98 0.18
N PRO A 333 -1.51 19.31 -0.95
CA PRO A 333 -0.14 19.14 -1.45
C PRO A 333 0.80 20.32 -1.46
N ASN A 334 2.06 20.03 -1.16
CA ASN A 334 3.15 20.99 -1.14
C ASN A 334 3.01 22.10 -0.11
N SER A 335 2.49 21.75 1.05
CA SER A 335 2.34 22.70 2.14
C SER A 335 3.31 22.32 3.25
N SER A 336 3.71 23.30 4.05
CA SER A 336 4.62 23.05 5.17
C SER A 336 4.15 23.87 6.36
N LEU A 337 3.90 23.19 7.47
CA LEU A 337 3.45 23.82 8.70
C LEU A 337 4.59 23.80 9.70
N GLY A 338 5.06 25.00 10.05
CA GLY A 338 6.16 25.13 10.99
C GLY A 338 5.81 24.70 12.39
N ALA A 339 6.83 24.65 13.25
CA ALA A 339 6.68 24.24 14.63
C ALA A 339 5.61 25.04 15.38
N GLN A 340 4.75 24.31 16.08
CA GLN A 340 3.67 24.86 16.89
C GLN A 340 2.58 25.67 16.14
N VAL A 341 2.46 25.46 14.85
CA VAL A 341 1.44 26.13 14.05
C VAL A 341 0.08 25.56 14.47
N HIS A 342 -0.95 26.41 14.51
CA HIS A 342 -2.31 25.97 14.86
C HIS A 342 -3.22 26.19 13.66
N ILE A 343 -3.79 25.11 13.12
CA ILE A 343 -4.73 25.19 12.00
C ILE A 343 -6.03 24.62 12.56
N GLY A 344 -7.05 25.47 12.66
CA GLY A 344 -8.33 25.03 13.20
C GLY A 344 -9.34 24.46 12.23
N ASN A 345 -10.60 24.48 12.66
CA ASN A 345 -11.69 23.95 11.85
C ASN A 345 -12.06 24.72 10.59
N PHE A 346 -12.31 23.97 9.52
CA PHE A 346 -12.73 24.52 8.24
C PHE A 346 -11.65 25.43 7.63
N VAL A 347 -10.41 24.99 7.77
CA VAL A 347 -9.28 25.74 7.22
C VAL A 347 -8.56 24.86 6.20
N GLU A 348 -8.27 25.47 5.05
CA GLU A 348 -7.58 24.78 3.96
C GLU A 348 -6.27 25.51 3.68
N VAL A 349 -5.18 24.74 3.66
CA VAL A 349 -3.85 25.27 3.35
C VAL A 349 -3.43 24.52 2.09
N LYS A 350 -3.03 25.25 1.05
CA LYS A 350 -2.62 24.64 -0.21
C LYS A 350 -1.37 25.29 -0.78
N GLY A 351 -0.36 24.47 -1.09
CA GLY A 351 0.90 24.95 -1.66
C GLY A 351 1.47 26.17 -0.96
N SER A 352 1.45 26.16 0.36
CA SER A 352 1.94 27.28 1.15
C SER A 352 2.88 26.86 2.28
N SER A 353 3.79 27.75 2.64
CA SER A 353 4.70 27.50 3.75
C SER A 353 4.21 28.38 4.88
N ILE A 354 4.03 27.79 6.06
CA ILE A 354 3.55 28.52 7.23
C ILE A 354 4.60 28.52 8.33
N GLY A 355 5.09 29.70 8.69
CA GLY A 355 6.10 29.83 9.72
C GLY A 355 5.67 29.45 11.12
N GLU A 356 6.63 29.31 12.02
CA GLU A 356 6.38 28.91 13.41
C GLU A 356 5.37 29.76 14.17
N ASN A 357 4.56 29.09 14.98
CA ASN A 357 3.54 29.71 15.83
C ASN A 357 2.40 30.45 15.14
N THR A 358 2.31 30.35 13.82
CA THR A 358 1.23 31.02 13.10
C THR A 358 -0.09 30.29 13.35
N LYS A 359 -1.17 31.06 13.47
CA LYS A 359 -2.49 30.51 13.73
C LYS A 359 -3.54 30.92 12.70
N ALA A 360 -4.31 29.94 12.25
CA ALA A 360 -5.41 30.14 11.32
C ALA A 360 -6.43 29.15 11.88
N GLY A 361 -7.22 29.62 12.84
CA GLY A 361 -8.18 28.74 13.49
C GLY A 361 -9.56 28.54 12.90
N HIS A 362 -9.96 29.31 11.88
CA HIS A 362 -11.31 29.14 11.36
C HIS A 362 -11.66 29.65 9.97
N LEU A 363 -12.40 28.82 9.24
CA LEU A 363 -12.94 29.18 7.93
C LEU A 363 -12.01 30.04 7.09
N THR A 364 -10.80 29.54 6.87
CA THR A 364 -9.78 30.27 6.14
C THR A 364 -9.17 29.46 5.00
N TYR A 365 -8.86 30.15 3.91
CA TYR A 365 -8.22 29.49 2.77
C TYR A 365 -6.88 30.19 2.52
N ILE A 366 -5.80 29.43 2.67
CA ILE A 366 -4.45 29.93 2.44
C ILE A 366 -3.88 29.15 1.25
N GLY A 367 -3.78 29.82 0.10
CA GLY A 367 -3.26 29.16 -1.09
C GLY A 367 -2.13 29.90 -1.75
N ASN A 368 -1.08 29.16 -2.10
CA ASN A 368 0.10 29.72 -2.76
C ASN A 368 0.67 30.93 -1.99
N CYS A 369 0.82 30.76 -0.69
CA CYS A 369 1.34 31.84 0.16
C CYS A 369 2.59 31.45 0.92
N GLU A 370 3.46 32.44 1.14
CA GLU A 370 4.67 32.24 1.91
C GLU A 370 4.34 33.05 3.16
N VAL A 371 4.07 32.37 4.26
CA VAL A 371 3.69 33.03 5.51
C VAL A 371 4.76 32.94 6.59
N GLY A 372 5.01 34.07 7.24
CA GLY A 372 6.01 34.13 8.29
C GLY A 372 5.59 33.51 9.61
N SER A 373 6.31 33.85 10.66
CA SER A 373 6.04 33.33 12.00
C SER A 373 5.14 34.25 12.81
N ASN A 374 4.43 33.65 13.78
CA ASN A 374 3.53 34.39 14.65
C ASN A 374 2.47 35.22 13.95
N VAL A 375 2.04 34.76 12.78
CA VAL A 375 1.00 35.46 12.03
C VAL A 375 -0.35 34.95 12.53
N ASN A 376 -1.36 35.83 12.53
CA ASN A 376 -2.69 35.45 12.97
C ASN A 376 -3.71 35.72 11.87
N PHE A 377 -4.35 34.66 11.40
CA PHE A 377 -5.38 34.79 10.37
C PHE A 377 -6.73 34.78 11.06
N GLY A 378 -7.47 35.88 10.95
CA GLY A 378 -8.77 35.94 11.56
C GLY A 378 -9.72 34.99 10.84
N ALA A 379 -10.77 34.56 11.52
CA ALA A 379 -11.75 33.66 10.92
C ALA A 379 -12.29 34.27 9.62
N GLY A 380 -12.50 33.43 8.61
CA GLY A 380 -13.04 33.93 7.35
C GLY A 380 -12.06 34.57 6.39
N THR A 381 -10.76 34.46 6.69
CA THR A 381 -9.74 35.07 5.83
C THR A 381 -9.59 34.25 4.55
N ILE A 382 -9.73 34.92 3.41
CA ILE A 382 -9.61 34.28 2.11
C ILE A 382 -8.46 34.86 1.29
N THR A 383 -7.54 34.01 0.85
CA THR A 383 -6.45 34.46 -0.01
C THR A 383 -6.87 34.09 -1.43
N VAL A 384 -6.60 34.97 -2.38
CA VAL A 384 -6.96 34.75 -3.79
C VAL A 384 -5.69 34.62 -4.62
N ASN A 385 -5.51 33.47 -5.26
CA ASN A 385 -4.33 33.23 -6.08
C ASN A 385 -4.66 32.98 -7.55
N TYR A 386 -5.92 32.74 -7.85
CA TYR A 386 -6.38 32.46 -9.21
C TYR A 386 -7.31 33.54 -9.73
N ASP A 387 -7.07 34.01 -10.96
CA ASP A 387 -7.89 35.04 -11.57
C ASP A 387 -8.72 34.56 -12.77
N GLY A 388 -8.43 33.35 -13.25
CA GLY A 388 -9.13 32.80 -14.39
C GLY A 388 -8.18 32.16 -15.38
N LYS A 389 -6.93 32.60 -15.36
CA LYS A 389 -5.90 32.08 -16.26
C LYS A 389 -4.58 31.84 -15.55
N ASN A 390 -4.14 32.82 -14.76
CA ASN A 390 -2.88 32.73 -14.03
C ASN A 390 -2.99 32.53 -12.53
N LYS A 391 -1.89 32.09 -11.94
CA LYS A 391 -1.77 31.83 -10.51
C LYS A 391 -0.72 32.78 -9.91
N TYR A 392 -1.15 33.61 -8.96
CA TYR A 392 -0.25 34.58 -8.33
C TYR A 392 0.09 34.25 -6.87
N LYS A 393 1.29 34.67 -6.46
CA LYS A 393 1.78 34.42 -5.11
C LYS A 393 1.66 35.61 -4.15
N THR A 394 1.40 35.30 -2.88
CA THR A 394 1.28 36.32 -1.85
C THR A 394 2.29 36.02 -0.76
N VAL A 395 2.97 37.07 -0.28
CA VAL A 395 3.96 36.94 0.77
C VAL A 395 3.45 37.67 2.00
N ILE A 396 3.44 36.99 3.14
CA ILE A 396 2.99 37.57 4.40
C ILE A 396 4.15 37.50 5.38
N GLY A 397 4.52 38.65 5.94
CA GLY A 397 5.63 38.72 6.87
C GLY A 397 5.34 38.14 8.25
N ASN A 398 6.26 38.36 9.18
CA ASN A 398 6.11 37.86 10.55
C ASN A 398 5.26 38.81 11.38
N ASN A 399 4.55 38.25 12.36
CA ASN A 399 3.71 39.02 13.27
C ASN A 399 2.58 39.81 12.62
N VAL A 400 2.15 39.37 11.45
CA VAL A 400 1.08 40.05 10.72
C VAL A 400 -0.27 39.63 11.30
N PHE A 401 -1.19 40.58 11.40
CA PHE A 401 -2.52 40.30 11.92
C PHE A 401 -3.51 40.53 10.78
N VAL A 402 -3.96 39.43 10.18
CA VAL A 402 -4.90 39.49 9.06
C VAL A 402 -6.31 39.48 9.64
N GLY A 403 -6.98 40.63 9.56
CA GLY A 403 -8.34 40.77 10.09
C GLY A 403 -9.33 39.76 9.55
N SER A 404 -10.29 39.39 10.39
CA SER A 404 -11.30 38.43 10.02
C SER A 404 -12.12 38.82 8.79
N ASN A 405 -12.49 37.81 8.00
CA ASN A 405 -13.30 37.98 6.78
C ASN A 405 -12.67 38.92 5.76
N SER A 406 -11.35 38.97 5.75
CA SER A 406 -10.63 39.80 4.79
C SER A 406 -10.37 38.99 3.52
N THR A 407 -10.15 39.70 2.42
CA THR A 407 -9.87 39.06 1.14
C THR A 407 -8.54 39.62 0.62
N ILE A 408 -7.52 38.76 0.58
CA ILE A 408 -6.18 39.15 0.15
C ILE A 408 -5.95 38.69 -1.29
N ILE A 409 -5.93 39.65 -2.21
CA ILE A 409 -5.76 39.36 -3.63
C ILE A 409 -4.33 39.45 -4.14
N ALA A 410 -3.77 38.29 -4.49
CA ALA A 410 -2.40 38.19 -4.99
C ALA A 410 -2.27 38.82 -6.40
N PRO A 411 -1.05 39.27 -6.76
CA PRO A 411 0.16 39.21 -5.93
C PRO A 411 0.30 40.43 -5.03
N VAL A 412 0.42 40.19 -3.72
CA VAL A 412 0.58 41.26 -2.75
C VAL A 412 1.48 40.79 -1.62
N GLU A 413 2.04 41.74 -0.90
CA GLU A 413 2.90 41.42 0.23
C GLU A 413 2.47 42.22 1.44
N LEU A 414 2.32 41.53 2.56
CA LEU A 414 1.95 42.16 3.81
C LEU A 414 3.25 42.17 4.63
N GLY A 415 3.82 43.36 4.81
CA GLY A 415 5.07 43.47 5.55
C GLY A 415 5.01 43.09 7.01
N ASP A 416 6.16 42.87 7.61
CA ASP A 416 6.26 42.49 9.03
C ASP A 416 5.48 43.45 9.92
N ASN A 417 4.80 42.89 10.91
CA ASN A 417 4.02 43.66 11.87
C ASN A 417 2.88 44.50 11.31
N SER A 418 2.47 44.22 10.08
CA SER A 418 1.36 44.96 9.47
C SER A 418 0.04 44.42 10.01
N LEU A 419 -1.02 45.17 9.77
CA LEU A 419 -2.34 44.78 10.22
C LEU A 419 -3.37 45.07 9.14
N VAL A 420 -4.22 44.09 8.86
CA VAL A 420 -5.28 44.23 7.88
C VAL A 420 -6.59 44.28 8.66
N GLY A 421 -7.34 45.38 8.50
CA GLY A 421 -8.60 45.53 9.19
C GLY A 421 -9.61 44.48 8.77
N ALA A 422 -10.39 44.00 9.72
CA ALA A 422 -11.40 42.98 9.45
C ALA A 422 -12.39 43.40 8.37
N GLY A 423 -12.72 42.46 7.48
CA GLY A 423 -13.67 42.74 6.41
C GLY A 423 -13.10 43.51 5.23
N SER A 424 -11.78 43.69 5.19
CA SER A 424 -11.13 44.43 4.13
C SER A 424 -10.74 43.60 2.90
N THR A 425 -10.74 44.24 1.75
CA THR A 425 -10.31 43.59 0.51
C THR A 425 -8.99 44.28 0.16
N ILE A 426 -7.91 43.50 0.21
CA ILE A 426 -6.57 44.01 -0.07
C ILE A 426 -6.10 43.65 -1.47
N THR A 427 -5.82 44.68 -2.26
CA THR A 427 -5.36 44.52 -3.63
C THR A 427 -3.95 45.07 -3.83
N LYS A 428 -3.43 45.76 -2.82
CA LYS A 428 -2.09 46.36 -2.91
C LYS A 428 -1.21 46.03 -1.69
N ASP A 429 0.10 46.07 -1.90
CA ASP A 429 1.06 45.80 -0.84
C ASP A 429 0.81 46.65 0.41
N VAL A 430 1.03 46.05 1.56
CA VAL A 430 0.88 46.72 2.83
C VAL A 430 2.28 46.74 3.44
N PRO A 431 2.87 47.94 3.57
CA PRO A 431 4.22 48.09 4.14
C PRO A 431 4.33 47.54 5.55
N ALA A 432 5.55 47.22 5.97
CA ALA A 432 5.78 46.71 7.30
C ALA A 432 5.29 47.76 8.30
N ASP A 433 4.69 47.31 9.40
CA ASP A 433 4.18 48.17 10.46
C ASP A 433 2.98 49.05 10.08
N ALA A 434 2.47 48.90 8.86
CA ALA A 434 1.32 49.71 8.43
C ALA A 434 -0.02 49.05 8.73
N ILE A 435 -1.09 49.84 8.66
CA ILE A 435 -2.44 49.35 8.89
C ILE A 435 -3.25 49.59 7.61
N ALA A 436 -3.83 48.53 7.08
CA ALA A 436 -4.63 48.60 5.87
C ALA A 436 -6.11 48.33 6.14
N ILE A 437 -6.97 49.20 5.64
CA ILE A 437 -8.41 49.05 5.80
C ILE A 437 -9.07 49.30 4.45
N GLY A 438 -9.97 48.41 4.06
CA GLY A 438 -10.66 48.55 2.78
C GLY A 438 -12.06 48.00 2.85
N ARG A 439 -12.93 48.71 3.55
CA ARG A 439 -14.33 48.30 3.75
C ARG A 439 -15.25 49.53 3.82
N GLY A 440 -16.55 49.30 3.72
CA GLY A 440 -17.52 50.38 3.79
C GLY A 440 -17.89 50.79 5.20
N ARG A 441 -18.24 52.06 5.39
CA ARG A 441 -18.63 52.58 6.71
C ARG A 441 -20.02 52.13 7.14
N GLN A 442 -20.19 51.88 8.43
CA GLN A 442 -21.47 51.43 8.98
C GLN A 442 -22.46 52.58 9.17
N ILE A 443 -23.66 52.39 8.65
CA ILE A 443 -24.73 53.38 8.75
C ILE A 443 -25.96 52.69 9.36
N ASN A 444 -26.41 53.18 10.51
CA ASN A 444 -27.60 52.62 11.17
C ASN A 444 -28.83 53.46 10.80
N LYS A 445 -29.93 52.77 10.50
CA LYS A 445 -31.18 53.45 10.17
C LYS A 445 -32.22 53.01 11.20
N ASP A 446 -32.54 53.92 12.11
CA ASP A 446 -33.52 53.67 13.17
C ASP A 446 -34.91 53.37 12.65
N GLU A 447 -35.70 52.66 13.45
CA GLU A 447 -37.06 52.29 13.09
C GLU A 447 -37.94 52.20 14.34
#